data_4IXG
#
_entry.id   4IXG
#
_cell.length_a   37.211
_cell.length_b   42.603
_cell.length_c   60.534
_cell.angle_alpha   90.00
_cell.angle_beta   94.82
_cell.angle_gamma   90.00
#
_symmetry.space_group_name_H-M   'P 1 21 1'
#
loop_
_entity.id
_entity.type
_entity.pdbx_description
1 polymer 'Dihydrofolate reductase'
2 non-polymer 'NADPH DIHYDRO-NICOTINAMIDE-ADENINE-DINUCLEOTIDE PHOSPHATE'
3 non-polymer N~6~-methyl-N~6~-phenylpyrido[2,3-d]pyrimidine-2,4,6-triamine
4 water water
#
_entity_poly.entity_id   1
_entity_poly.type   'polypeptide(L)'
_entity_poly.pdbx_seq_one_letter_code
;MNQQKSLTLIVALTTSYGIGRSNSLPWKLKKEISYFSRVTSFVPTFDSFESMNVVLMGRKTWESIPLQNRPLKGRINVVI
TRNESLDLGNGIHSAKSLDHALELLYRTYGSESSVQINRIFVIGGAQLYKAAMDHPKLDRIMATIIYKDIHCDVFFPLKF
RDKEWSSVWKKEKHSDLESWVGTKVPHGKINEDGFDYEFEMWTRDL
;
_entity_poly.pdbx_strand_id   X
#
loop_
_chem_comp.id
_chem_comp.type
_chem_comp.name
_chem_comp.formula
IXG non-polymer N~6~-methyl-N~6~-phenylpyrido[2,3-d]pyrimidine-2,4,6-triamine 'C14 H14 N6'
NDP non-polymer 'NADPH DIHYDRO-NICOTINAMIDE-ADENINE-DINUCLEOTIDE PHOSPHATE' 'C21 H30 N7 O17 P3'
#
# COMPACT_ATOMS: atom_id res chain seq x y z
N MET A 1 -21.06 -10.91 -2.06
CA MET A 1 -21.09 -9.40 -2.13
C MET A 1 -19.78 -8.82 -1.57
N ASN A 2 -18.70 -9.03 -2.34
CA ASN A 2 -17.31 -8.85 -1.90
C ASN A 2 -16.37 -8.26 -2.98
N GLN A 3 -16.39 -8.84 -4.19
CA GLN A 3 -15.30 -8.66 -5.16
C GLN A 3 -15.56 -7.56 -6.18
N GLN A 4 -16.21 -6.50 -5.69
CA GLN A 4 -16.49 -5.32 -6.50
C GLN A 4 -15.27 -4.37 -6.60
N LYS A 5 -14.49 -4.22 -5.53
CA LYS A 5 -13.43 -3.21 -5.56
C LYS A 5 -12.10 -3.88 -5.89
N SER A 6 -11.30 -3.27 -6.75
CA SER A 6 -9.95 -3.77 -6.88
C SER A 6 -9.09 -3.28 -5.73
N LEU A 7 -7.95 -3.95 -5.59
CA LEU A 7 -7.01 -3.61 -4.56
C LEU A 7 -5.85 -2.94 -5.25
N THR A 8 -5.23 -2.00 -4.54
CA THR A 8 -3.96 -1.38 -4.95
C THR A 8 -2.86 -1.65 -3.91
N LEU A 9 -1.70 -2.02 -4.42
CA LEU A 9 -0.56 -2.28 -3.61
C LEU A 9 0.31 -1.02 -3.75
N ILE A 10 0.84 -0.53 -2.62
CA ILE A 10 1.84 0.57 -2.65
C ILE A 10 3.08 0.12 -1.85
N VAL A 11 4.22 0.35 -2.45
CA VAL A 11 5.50 -0.11 -1.94
C VAL A 11 6.65 0.83 -2.39
N ALA A 12 7.68 0.91 -1.59
CA ALA A 12 8.92 1.54 -1.98
C ALA A 12 9.97 0.39 -1.94
N LEU A 13 10.67 0.24 -3.01
CA LEU A 13 11.63 -0.92 -3.16
C LEU A 13 12.88 -0.51 -3.85
N THR A 14 13.98 -1.17 -3.51
CA THR A 14 15.22 -1.00 -4.29
C THR A 14 15.12 -1.74 -5.67
N THR A 15 16.07 -1.46 -6.56
CA THR A 15 16.29 -2.21 -7.81
C THR A 15 16.56 -3.70 -7.67
N SER A 16 16.97 -4.15 -6.48
CA SER A 16 17.03 -5.58 -6.17
C SER A 16 15.86 -6.09 -5.31
N TYR A 17 14.75 -5.30 -5.31
CA TYR A 17 13.47 -5.62 -4.65
C TYR A 17 13.49 -5.61 -3.10
N GLY A 18 14.56 -5.05 -2.58
CA GLY A 18 14.68 -4.75 -1.18
C GLY A 18 13.63 -3.81 -0.65
N ILE A 19 12.94 -4.24 0.40
CA ILE A 19 11.90 -3.36 1.10
C ILE A 19 12.14 -3.11 2.60
N GLY A 20 13.01 -3.90 3.26
CA GLY A 20 12.97 -3.94 4.73
C GLY A 20 14.29 -4.30 5.37
N ARG A 21 14.52 -3.72 6.54
CA ARG A 21 15.65 -4.03 7.38
C ARG A 21 15.11 -4.26 8.78
N SER A 22 15.97 -4.75 9.66
CA SER A 22 15.60 -5.01 11.05
C SER A 22 14.21 -4.45 11.33
N ASN A 23 13.19 -5.15 10.84
CA ASN A 23 11.80 -4.69 11.00
C ASN A 23 11.56 -3.18 10.87
N SER A 24 12.29 -2.50 9.98
CA SER A 24 11.94 -1.11 9.60
C SER A 24 12.39 -0.83 8.19
N LEU A 25 12.24 0.42 7.81
CA LEU A 25 12.61 0.81 6.46
C LEU A 25 14.09 1.05 6.42
N PRO A 26 14.73 0.68 5.31
CA PRO A 26 16.20 0.86 5.27
C PRO A 26 16.68 2.23 4.75
N TRP A 27 15.79 3.19 4.67
CA TRP A 27 16.09 4.55 4.32
C TRP A 27 15.24 5.38 5.22
N LYS A 28 15.42 6.70 5.15
CA LYS A 28 14.58 7.64 5.87
C LYS A 28 14.39 8.79 4.92
N LEU A 29 13.22 8.79 4.29
CA LEU A 29 12.93 9.65 3.17
C LEU A 29 11.60 10.35 3.42
N LYS A 30 11.67 11.51 4.04
CA LYS A 30 10.49 12.21 4.50
C LYS A 30 9.49 12.54 3.37
N LYS A 31 9.97 12.95 2.22
CA LYS A 31 9.08 13.24 1.08
C LYS A 31 8.42 11.97 0.49
N GLU A 32 9.12 10.85 0.54
CA GLU A 32 8.58 9.56 0.05
C GLU A 32 7.41 9.19 0.96
N ILE A 33 7.59 9.32 2.28
CA ILE A 33 6.49 9.11 3.24
C ILE A 33 5.34 10.08 3.03
N SER A 34 5.63 11.34 2.69
CA SER A 34 4.57 12.28 2.29
C SER A 34 3.78 11.87 1.07
N TYR A 35 4.45 11.28 0.08
CA TYR A 35 3.81 10.73 -1.10
C TYR A 35 2.89 9.54 -0.68
N PHE A 36 3.45 8.65 0.15
CA PHE A 36 2.71 7.45 0.65
C PHE A 36 1.46 7.92 1.38
N SER A 37 1.65 8.88 2.29
CA SER A 37 0.54 9.39 3.05
C SER A 37 -0.53 10.07 2.13
N ARG A 38 -0.14 10.89 1.17
CA ARG A 38 -1.11 11.54 0.29
C ARG A 38 -1.87 10.53 -0.62
N VAL A 39 -1.10 9.59 -1.20
CA VAL A 39 -1.69 8.59 -2.05
C VAL A 39 -2.70 7.75 -1.28
N THR A 40 -2.32 7.28 -0.08
CA THR A 40 -3.21 6.37 0.65
C THR A 40 -4.40 7.10 1.24
N SER A 41 -4.27 8.42 1.42
CA SER A 41 -5.31 9.28 2.03
C SER A 41 -6.24 9.96 1.05
N PHE A 42 -5.81 10.06 -0.20
CA PHE A 42 -6.53 10.84 -1.21
C PHE A 42 -7.87 10.23 -1.61
N VAL A 43 -8.91 11.05 -1.42
CA VAL A 43 -10.28 10.83 -1.88
C VAL A 43 -10.76 12.08 -2.66
N PRO A 44 -11.34 11.90 -3.88
CA PRO A 44 -11.97 12.94 -4.68
C PRO A 44 -12.90 13.84 -3.85
N THR A 45 -12.84 15.13 -4.15
CA THR A 45 -13.45 16.17 -3.32
C THR A 45 -14.92 15.89 -2.99
N PHE A 46 -15.69 15.62 -4.03
CA PHE A 46 -17.10 15.28 -3.88
C PHE A 46 -17.40 14.20 -2.83
N ASP A 47 -16.43 13.32 -2.59
CA ASP A 47 -16.66 12.07 -1.84
C ASP A 47 -16.10 12.08 -0.42
N SER A 48 -15.16 13.00 -0.17
CA SER A 48 -14.46 13.10 1.12
C SER A 48 -15.34 13.68 2.22
N PHE A 49 -16.61 13.88 1.88
CA PHE A 49 -17.63 14.29 2.83
C PHE A 49 -17.87 13.18 3.86
N GLU A 50 -17.63 11.93 3.45
CA GLU A 50 -17.81 10.74 4.33
C GLU A 50 -16.90 9.52 4.00
N SER A 51 -16.30 9.52 2.80
CA SER A 51 -15.41 8.42 2.32
C SER A 51 -14.02 8.51 2.91
N MET A 52 -13.42 7.33 3.14
CA MET A 52 -12.04 7.21 3.59
C MET A 52 -11.44 6.02 2.83
N ASN A 53 -10.13 5.95 2.81
CA ASN A 53 -9.42 4.75 2.30
C ASN A 53 -9.05 3.79 3.43
N VAL A 54 -8.53 2.63 3.02
CA VAL A 54 -8.31 1.54 3.90
C VAL A 54 -6.84 1.25 3.62
N VAL A 55 -6.11 1.00 4.68
CA VAL A 55 -4.77 0.42 4.55
C VAL A 55 -4.75 -0.93 5.25
N LEU A 56 -4.36 -1.95 4.51
CA LEU A 56 -4.34 -3.28 5.04
C LEU A 56 -2.87 -3.53 5.20
N MET A 57 -2.46 -4.10 6.34
CA MET A 57 -1.06 -4.35 6.55
C MET A 57 -0.82 -5.60 7.40
N GLY A 58 0.38 -6.12 7.28
CA GLY A 58 0.78 -7.29 8.05
C GLY A 58 1.08 -6.80 9.46
N ARG A 59 0.95 -7.75 10.37
CA ARG A 59 1.18 -7.53 11.79
C ARG A 59 2.62 -7.07 12.03
N LYS A 60 3.63 -7.63 11.32
CA LYS A 60 5.05 -7.19 11.52
C LYS A 60 5.23 -5.71 11.05
N THR A 61 4.58 -5.31 9.95
CA THR A 61 4.50 -3.89 9.50
C THR A 61 3.83 -2.97 10.52
N TRP A 62 2.78 -3.46 11.16
CA TRP A 62 2.07 -2.69 12.14
C TRP A 62 2.99 -2.41 13.31
N GLU A 63 3.84 -3.40 13.65
CA GLU A 63 4.75 -3.32 14.78
C GLU A 63 5.96 -2.41 14.49
N SER A 64 6.36 -2.40 13.22
CA SER A 64 7.34 -1.51 12.62
C SER A 64 6.96 -0.03 12.63
N ILE A 65 5.69 0.33 12.72
CA ILE A 65 5.34 1.78 12.68
C ILE A 65 5.58 2.40 14.09
N PRO A 66 6.28 3.57 14.17
CA PRO A 66 6.49 4.19 15.50
C PRO A 66 5.14 4.42 16.12
N LEU A 67 4.97 4.06 17.40
CA LEU A 67 3.70 4.21 18.13
C LEU A 67 3.03 5.56 17.94
N GLN A 68 3.82 6.61 17.76
CA GLN A 68 3.24 7.97 17.60
C GLN A 68 2.40 8.07 16.34
N ASN A 69 2.64 7.17 15.40
CA ASN A 69 2.03 7.23 14.06
C ASN A 69 0.98 6.13 13.78
N ARG A 70 0.50 5.49 14.84
CA ARG A 70 -0.63 4.55 14.77
C ARG A 70 -1.86 5.13 15.44
N PRO A 71 -3.05 4.79 14.92
CA PRO A 71 -3.16 4.07 13.66
C PRO A 71 -2.77 5.06 12.57
N LEU A 72 -2.40 4.56 11.40
CA LEU A 72 -2.12 5.49 10.34
C LEU A 72 -3.30 6.42 10.24
N LYS A 73 -3.04 7.70 10.48
CA LYS A 73 -4.09 8.70 10.60
C LYS A 73 -4.90 9.00 9.33
N GLY A 74 -6.21 9.17 9.54
CA GLY A 74 -7.13 9.54 8.43
C GLY A 74 -7.42 8.42 7.42
N ARG A 75 -6.97 7.20 7.72
CA ARG A 75 -7.29 6.02 6.89
C ARG A 75 -7.85 4.91 7.80
N ILE A 76 -8.64 3.99 7.27
CA ILE A 76 -9.08 2.88 8.14
C ILE A 76 -7.98 1.83 8.10
N ASN A 77 -7.44 1.44 9.27
CA ASN A 77 -6.30 0.52 9.33
C ASN A 77 -6.87 -0.86 9.62
N VAL A 78 -6.33 -1.92 9.01
CA VAL A 78 -6.73 -3.28 9.30
C VAL A 78 -5.46 -4.12 9.32
N VAL A 79 -5.22 -4.87 10.41
CA VAL A 79 -4.03 -5.66 10.54
C VAL A 79 -4.36 -7.16 10.36
N ILE A 80 -3.64 -7.79 9.44
CA ILE A 80 -3.76 -9.18 9.05
C ILE A 80 -2.85 -10.04 9.95
N THR A 81 -3.45 -10.91 10.77
CA THR A 81 -2.64 -11.86 11.55
C THR A 81 -3.31 -13.23 11.69
N ARG A 82 -2.52 -14.32 11.80
CA ARG A 82 -3.09 -15.68 12.00
C ARG A 82 -3.43 -15.89 13.49
N ASN A 83 -3.24 -14.86 14.31
CA ASN A 83 -3.26 -15.03 15.76
C ASN A 83 -4.19 -14.02 16.39
N GLU A 84 -5.46 -14.40 16.55
CA GLU A 84 -6.50 -13.44 16.93
C GLU A 84 -6.29 -12.86 18.32
N SER A 85 -5.09 -12.32 18.54
CA SER A 85 -4.63 -11.86 19.84
C SER A 85 -5.13 -10.46 20.19
N LEU A 86 -4.20 -9.57 20.53
CA LEU A 86 -4.57 -8.20 20.88
C LEU A 86 -3.52 -7.17 20.52
N ASP A 87 -3.85 -6.38 19.50
CA ASP A 87 -3.02 -5.27 19.06
C ASP A 87 -3.56 -4.05 19.82
N LEU A 88 -3.74 -4.20 21.13
CA LEU A 88 -4.58 -3.28 21.86
C LEU A 88 -4.97 -2.22 20.85
N GLY A 89 -6.27 -2.02 20.65
CA GLY A 89 -6.72 -1.31 19.48
C GLY A 89 -7.74 -0.20 19.61
N ASN A 90 -7.27 1.03 19.37
CA ASN A 90 -8.06 2.30 19.22
C ASN A 90 -9.44 2.12 18.59
N GLY A 91 -9.48 1.12 17.72
CA GLY A 91 -10.54 0.86 16.76
C GLY A 91 -9.75 0.04 15.76
N ILE A 92 -8.88 -0.83 16.28
CA ILE A 92 -7.87 -1.51 15.44
C ILE A 92 -8.33 -2.88 15.00
N HIS A 93 -8.92 -2.89 13.79
CA HIS A 93 -9.44 -4.08 13.16
C HIS A 93 -8.34 -5.04 12.89
N SER A 94 -8.72 -6.29 12.83
CA SER A 94 -7.78 -7.37 12.76
C SER A 94 -8.44 -8.43 11.86
N ALA A 95 -7.74 -9.07 10.92
CA ALA A 95 -8.37 -10.24 10.21
C ALA A 95 -7.36 -11.23 9.82
N LYS A 96 -7.80 -12.45 9.60
CA LYS A 96 -6.86 -13.55 9.48
C LYS A 96 -6.48 -13.78 8.07
N SER A 97 -7.01 -12.96 7.16
CA SER A 97 -6.58 -13.03 5.81
C SER A 97 -7.03 -11.77 5.06
N LEU A 98 -6.54 -11.70 3.84
CA LEU A 98 -6.85 -10.54 3.02
C LEU A 98 -8.39 -10.60 2.74
N ASP A 99 -8.93 -11.79 2.40
CA ASP A 99 -10.41 -11.92 2.21
C ASP A 99 -11.27 -11.72 3.47
N HIS A 100 -10.78 -12.18 4.62
CA HIS A 100 -11.45 -11.89 5.87
C HIS A 100 -11.46 -10.41 6.14
N ALA A 101 -10.35 -9.69 5.90
CA ALA A 101 -10.38 -8.18 5.92
C ALA A 101 -11.51 -7.55 5.08
N LEU A 102 -11.62 -7.98 3.80
CA LEU A 102 -12.60 -7.35 2.91
C LEU A 102 -14.02 -7.57 3.37
N GLU A 103 -14.32 -8.82 3.74
CA GLU A 103 -15.60 -9.16 4.37
C GLU A 103 -15.89 -8.28 5.62
N LEU A 104 -14.89 -8.17 6.51
CA LEU A 104 -15.04 -7.37 7.74
C LEU A 104 -15.29 -5.89 7.34
N LEU A 105 -14.55 -5.45 6.33
CA LEU A 105 -14.71 -4.07 5.90
C LEU A 105 -16.13 -3.84 5.32
N TYR A 106 -16.54 -4.65 4.34
CA TYR A 106 -17.87 -4.50 3.75
C TYR A 106 -19.01 -4.67 4.75
N ARG A 107 -18.81 -5.51 5.78
CA ARG A 107 -19.78 -5.64 6.85
C ARG A 107 -19.83 -4.36 7.72
N THR A 108 -18.66 -3.92 8.16
CA THR A 108 -18.49 -2.75 9.03
C THR A 108 -18.86 -1.44 8.37
N TYR A 109 -18.43 -1.20 7.12
CA TYR A 109 -18.75 0.08 6.46
C TYR A 109 -19.74 -0.10 5.29
N GLY A 110 -20.93 -0.58 5.61
CA GLY A 110 -21.93 -0.94 4.60
C GLY A 110 -22.57 0.28 3.94
N SER A 111 -23.21 0.08 2.78
CA SER A 111 -23.82 1.19 2.02
C SER A 111 -24.73 2.09 2.88
N GLU A 112 -25.09 1.60 4.07
CA GLU A 112 -25.83 2.35 5.10
C GLU A 112 -24.98 3.13 6.16
N SER A 113 -23.76 2.65 6.47
CA SER A 113 -22.88 3.21 7.56
C SER A 113 -22.44 4.66 7.33
N SER A 114 -22.01 5.31 8.42
CA SER A 114 -21.65 6.72 8.41
C SER A 114 -20.32 7.01 7.69
N VAL A 115 -19.47 6.00 7.69
CA VAL A 115 -18.15 6.09 7.06
C VAL A 115 -18.23 5.12 5.89
N GLN A 116 -17.79 5.55 4.71
CA GLN A 116 -17.87 4.76 3.49
C GLN A 116 -16.47 4.56 2.90
N ILE A 117 -16.21 3.36 2.38
CA ILE A 117 -14.83 3.11 1.87
C ILE A 117 -14.70 3.63 0.45
N ASN A 118 -13.58 4.29 0.14
CA ASN A 118 -13.26 4.77 -1.22
C ASN A 118 -12.27 3.78 -1.83
N ARG A 119 -11.00 3.81 -1.44
CA ARG A 119 -10.03 2.92 -2.12
C ARG A 119 -9.40 2.06 -1.09
N ILE A 120 -8.93 0.90 -1.52
CA ILE A 120 -8.37 -0.02 -0.57
C ILE A 120 -6.89 -0.32 -0.99
N PHE A 121 -5.97 -0.08 -0.07
CA PHE A 121 -4.52 -0.28 -0.27
C PHE A 121 -3.93 -1.40 0.59
N VAL A 122 -3.02 -2.20 -0.01
CA VAL A 122 -2.20 -3.08 0.75
C VAL A 122 -0.84 -2.38 0.90
N ILE A 123 -0.35 -2.19 2.13
CA ILE A 123 0.89 -1.33 2.41
C ILE A 123 2.05 -2.12 2.90
N GLY A 124 1.84 -3.42 3.05
CA GLY A 124 3.01 -4.19 3.32
C GLY A 124 2.87 -5.23 4.40
N GLY A 125 4.09 -5.63 4.72
CA GLY A 125 4.67 -6.89 4.79
C GLY A 125 5.03 -7.47 3.44
N ALA A 126 6.28 -7.90 3.23
CA ALA A 126 6.48 -8.92 2.24
C ALA A 126 5.46 -10.07 2.28
N GLN A 127 5.12 -10.55 3.46
CA GLN A 127 4.25 -11.75 3.53
C GLN A 127 2.84 -11.42 3.06
N LEU A 128 2.36 -10.23 3.46
CA LEU A 128 1.08 -9.73 2.96
C LEU A 128 1.08 -9.30 1.48
N TYR A 129 2.23 -8.76 1.03
CA TYR A 129 2.40 -8.48 -0.37
C TYR A 129 2.26 -9.77 -1.22
N LYS A 130 2.82 -10.87 -0.70
CA LYS A 130 2.75 -12.14 -1.37
C LYS A 130 1.29 -12.52 -1.54
N ALA A 131 0.50 -12.45 -0.46
CA ALA A 131 -0.94 -12.76 -0.54
C ALA A 131 -1.60 -11.82 -1.57
N ALA A 132 -1.25 -10.51 -1.55
CA ALA A 132 -1.91 -9.56 -2.48
C ALA A 132 -1.62 -9.85 -3.93
N MET A 133 -0.39 -10.25 -4.26
CA MET A 133 0.02 -10.48 -5.65
C MET A 133 -0.77 -11.71 -6.20
N ASP A 134 -1.12 -12.64 -5.31
CA ASP A 134 -1.93 -13.83 -5.63
C ASP A 134 -3.43 -13.53 -5.70
N HIS A 135 -3.85 -12.34 -5.20
CA HIS A 135 -5.26 -12.02 -5.10
C HIS A 135 -5.85 -11.57 -6.47
N PRO A 136 -6.99 -12.12 -6.89
CA PRO A 136 -7.48 -11.90 -8.25
C PRO A 136 -7.92 -10.46 -8.45
N LYS A 137 -8.23 -9.75 -7.35
CA LYS A 137 -8.63 -8.32 -7.38
C LYS A 137 -7.52 -7.32 -7.40
N LEU A 138 -6.27 -7.76 -7.24
CA LEU A 138 -5.22 -6.77 -7.18
C LEU A 138 -4.91 -6.37 -8.63
N ASP A 139 -4.96 -5.08 -8.93
CA ASP A 139 -4.64 -4.69 -10.33
C ASP A 139 -3.69 -3.53 -10.49
N ARG A 140 -3.07 -3.05 -9.44
CA ARG A 140 -2.28 -1.80 -9.50
C ARG A 140 -1.21 -1.78 -8.47
N ILE A 141 0.02 -1.41 -8.89
CA ILE A 141 1.17 -1.20 -7.98
C ILE A 141 1.64 0.23 -8.03
N MET A 142 1.66 0.91 -6.89
CA MET A 142 2.19 2.30 -6.83
C MET A 142 3.58 2.00 -6.27
N ALA A 143 4.57 2.06 -7.14
CA ALA A 143 5.94 1.62 -6.73
C ALA A 143 6.78 2.83 -6.65
N THR A 144 7.54 2.92 -5.56
CA THR A 144 8.67 3.86 -5.51
C THR A 144 9.97 3.12 -5.71
N ILE A 145 10.65 3.47 -6.78
CA ILE A 145 11.82 2.68 -7.22
C ILE A 145 12.99 3.44 -6.67
N ILE A 146 13.77 2.74 -5.84
CA ILE A 146 14.91 3.36 -5.22
C ILE A 146 16.20 2.81 -5.85
N TYR A 147 17.00 3.70 -6.40
CA TYR A 147 18.09 3.31 -7.28
C TYR A 147 19.38 3.19 -6.47
N LYS A 148 19.35 2.24 -5.52
CA LYS A 148 20.55 1.95 -4.70
C LYS A 148 20.33 0.51 -4.16
N ASP A 149 21.34 -0.35 -4.22
CA ASP A 149 21.22 -1.75 -3.69
C ASP A 149 21.42 -1.69 -2.18
N ILE A 150 20.50 -1.01 -1.49
CA ILE A 150 20.56 -0.81 -0.07
C ILE A 150 20.48 -2.19 0.61
N HIS A 151 21.36 -2.46 1.59
CA HIS A 151 21.27 -3.79 2.25
C HIS A 151 19.96 -4.01 2.93
N CYS A 152 19.22 -5.05 2.50
CA CYS A 152 17.93 -5.37 3.12
C CYS A 152 17.92 -6.83 3.51
N ASP A 153 17.01 -7.19 4.40
CA ASP A 153 16.83 -8.62 4.75
C ASP A 153 15.38 -9.11 4.48
N VAL A 154 14.58 -8.26 3.83
CA VAL A 154 13.22 -8.63 3.44
C VAL A 154 13.02 -8.03 2.05
N PHE A 155 12.42 -8.84 1.19
CA PHE A 155 12.36 -8.58 -0.27
C PHE A 155 10.92 -8.64 -0.75
N PHE A 156 10.57 -7.82 -1.74
CA PHE A 156 9.23 -7.91 -2.31
C PHE A 156 9.18 -9.27 -3.07
N PRO A 157 8.08 -10.02 -2.93
CA PRO A 157 8.05 -11.47 -3.29
C PRO A 157 7.89 -11.81 -4.77
N LEU A 158 7.69 -10.81 -5.63
CA LEU A 158 7.33 -11.08 -7.02
C LEU A 158 7.99 -10.02 -7.89
N LYS A 159 8.86 -10.47 -8.78
CA LYS A 159 9.68 -9.50 -9.66
C LYS A 159 8.94 -8.80 -10.78
N PHE A 160 8.06 -7.91 -10.35
CA PHE A 160 6.99 -7.46 -11.27
C PHE A 160 7.51 -6.50 -12.33
N ARG A 161 8.71 -5.98 -12.11
CA ARG A 161 9.24 -5.01 -13.04
C ARG A 161 10.20 -5.77 -14.03
N ASP A 162 10.37 -7.10 -13.79
CA ASP A 162 11.29 -7.91 -14.60
C ASP A 162 10.67 -8.49 -15.85
N LYS A 163 11.56 -8.85 -16.76
CA LYS A 163 11.12 -9.34 -18.11
C LYS A 163 10.05 -10.41 -17.99
N GLU A 164 10.24 -11.39 -17.06
CA GLU A 164 9.41 -12.60 -17.03
C GLU A 164 7.94 -12.25 -16.76
N TRP A 165 7.71 -11.09 -16.10
CA TRP A 165 6.41 -10.52 -15.71
C TRP A 165 5.88 -9.37 -16.55
N SER A 166 6.57 -9.06 -17.63
CA SER A 166 6.29 -7.88 -18.46
C SER A 166 5.06 -8.03 -19.35
N SER A 167 4.51 -9.24 -19.49
CA SER A 167 3.23 -9.38 -20.25
C SER A 167 2.02 -9.18 -19.39
N VAL A 168 2.21 -9.36 -18.08
CA VAL A 168 1.21 -9.16 -17.09
C VAL A 168 1.27 -7.76 -16.53
N TRP A 169 2.47 -7.30 -16.13
CA TRP A 169 2.56 -5.98 -15.49
C TRP A 169 3.15 -4.96 -16.44
N LYS A 170 2.45 -3.81 -16.60
CA LYS A 170 2.79 -2.72 -17.57
C LYS A 170 2.94 -1.42 -16.79
N LYS A 171 3.99 -0.62 -17.07
CA LYS A 171 4.18 0.59 -16.37
C LYS A 171 3.35 1.70 -17.10
N GLU A 172 2.53 2.43 -16.34
CA GLU A 172 1.64 3.45 -16.96
C GLU A 172 2.37 4.78 -17.16
N LYS A 173 1.86 5.62 -18.08
CA LYS A 173 2.32 7.01 -18.33
C LYS A 173 2.23 7.84 -17.07
N HIS A 174 3.17 8.77 -16.91
CA HIS A 174 3.25 9.53 -15.69
C HIS A 174 1.99 10.39 -15.52
N SER A 175 1.41 10.87 -16.62
CA SER A 175 0.06 11.56 -16.60
C SER A 175 -1.05 10.61 -16.10
N ASP A 176 -0.92 9.32 -16.34
CA ASP A 176 -1.92 8.38 -15.84
C ASP A 176 -1.78 8.14 -14.38
N LEU A 177 -0.54 8.11 -13.88
CA LEU A 177 -0.28 8.13 -12.44
C LEU A 177 -0.94 9.38 -11.76
N GLU A 178 -0.55 10.60 -12.18
CA GLU A 178 -1.22 11.79 -11.72
C GLU A 178 -2.73 11.83 -11.50
N SER A 179 -3.52 11.43 -12.48
CA SER A 179 -4.96 11.61 -12.32
C SER A 179 -5.56 10.47 -11.53
N TRP A 180 -5.05 9.25 -11.69
CA TRP A 180 -5.43 8.26 -10.69
C TRP A 180 -5.19 8.75 -9.27
N VAL A 181 -4.01 9.30 -9.03
CA VAL A 181 -3.57 9.80 -7.74
C VAL A 181 -4.28 11.13 -7.45
N GLY A 182 -4.65 11.86 -8.49
CA GLY A 182 -5.42 13.10 -8.33
C GLY A 182 -4.63 14.35 -8.01
N THR A 183 -3.30 14.30 -8.11
CA THR A 183 -2.43 15.47 -7.93
C THR A 183 -1.25 15.48 -8.92
N LYS A 184 -0.68 16.66 -9.12
CA LYS A 184 0.67 16.78 -9.69
C LYS A 184 1.67 16.01 -8.83
N VAL A 185 2.47 15.17 -9.50
CA VAL A 185 3.44 14.27 -8.85
C VAL A 185 4.75 14.47 -9.59
N PRO A 186 5.86 14.68 -8.83
CA PRO A 186 7.16 14.88 -9.46
C PRO A 186 7.46 13.71 -10.42
N HIS A 187 8.05 14.03 -11.56
CA HIS A 187 8.33 13.07 -12.58
C HIS A 187 9.82 12.95 -12.61
N GLY A 188 10.34 11.74 -12.61
CA GLY A 188 11.76 11.55 -12.71
C GLY A 188 12.42 11.38 -11.37
N LYS A 189 13.74 11.40 -11.38
CA LYS A 189 14.50 11.11 -10.17
C LYS A 189 14.39 12.24 -9.14
N ILE A 190 14.19 11.83 -7.91
CA ILE A 190 14.15 12.75 -6.76
C ILE A 190 15.34 12.29 -5.94
N ASN A 191 16.01 13.26 -5.32
CA ASN A 191 17.17 12.99 -4.49
C ASN A 191 16.90 13.54 -3.10
N GLU A 192 17.00 12.65 -2.13
CA GLU A 192 16.73 12.93 -0.71
C GLU A 192 17.74 12.03 0.03
N ASP A 193 18.55 12.61 0.92
CA ASP A 193 19.62 11.88 1.68
C ASP A 193 20.41 10.79 0.91
N GLY A 194 20.93 11.12 -0.26
CA GLY A 194 21.90 10.26 -0.93
C GLY A 194 21.46 9.29 -2.00
N PHE A 195 20.16 8.96 -2.07
CA PHE A 195 19.66 8.06 -3.13
C PHE A 195 18.80 8.80 -4.13
N ASP A 196 18.87 8.37 -5.40
CA ASP A 196 17.84 8.69 -6.38
C ASP A 196 16.66 7.73 -6.23
N TYR A 197 15.46 8.29 -6.20
CA TYR A 197 14.25 7.49 -6.33
C TYR A 197 13.22 8.12 -7.30
N GLU A 198 12.25 7.33 -7.75
CA GLU A 198 11.19 7.86 -8.58
C GLU A 198 9.85 7.12 -8.45
N PHE A 199 8.77 7.86 -8.73
CA PHE A 199 7.39 7.35 -8.62
C PHE A 199 6.91 6.66 -9.85
N GLU A 200 6.44 5.45 -9.67
CA GLU A 200 5.89 4.66 -10.76
C GLU A 200 4.54 4.12 -10.47
N MET A 201 3.79 3.85 -11.55
CA MET A 201 2.51 3.12 -11.49
C MET A 201 2.38 2.04 -12.53
N TRP A 202 2.21 0.79 -12.02
CA TRP A 202 2.04 -0.42 -12.86
C TRP A 202 0.65 -1.00 -12.65
N THR A 203 0.13 -1.56 -13.72
CA THR A 203 -1.15 -2.24 -13.71
C THR A 203 -1.11 -3.62 -14.38
N ARG A 204 -2.16 -4.39 -14.12
CA ARG A 204 -2.25 -5.79 -14.53
C ARG A 204 -3.74 -5.91 -14.84
N ASP A 205 -4.12 -6.37 -16.02
CA ASP A 205 -5.56 -6.55 -16.26
C ASP A 205 -6.17 -7.60 -15.32
N LEU A 206 -7.33 -7.32 -14.73
CA LEU A 206 -8.13 -8.33 -13.97
C LEU A 206 -8.55 -9.54 -14.82
PA NDP B . 4.48 -8.50 7.33
O1A NDP B . 4.05 -9.13 6.09
O2A NDP B . 4.10 -7.10 7.70
O5B NDP B . 3.89 -9.25 8.63
C5B NDP B . 4.03 -10.71 8.56
C4B NDP B . 3.07 -11.27 9.51
O4B NDP B . 1.78 -10.65 9.29
C3B NDP B . 2.80 -12.79 9.42
O3B NDP B . 3.63 -13.50 10.32
C2B NDP B . 1.37 -12.87 9.88
O2B NDP B . 1.20 -12.46 11.20
C1B NDP B . 0.77 -11.69 9.10
N9A NDP B . 0.37 -12.07 7.67
C8A NDP B . 0.94 -11.62 6.55
N7A NDP B . 0.36 -12.12 5.49
C5A NDP B . -0.66 -12.86 5.96
C6A NDP B . -1.63 -13.63 5.34
N6A NDP B . -1.67 -13.71 3.99
N1A NDP B . -2.51 -14.27 6.12
C2A NDP B . -2.47 -14.22 7.44
N3A NDP B . -1.54 -13.51 8.06
C4A NDP B . -0.64 -12.85 7.35
O3 NDP B . 6.04 -8.67 7.54
PN NDP B . 7.23 -9.04 6.68
O1N NDP B . 6.93 -9.91 5.55
O2N NDP B . 8.27 -9.47 7.67
O5D NDP B . 7.67 -7.64 6.12
C5D NDP B . 8.07 -6.65 7.09
C4D NDP B . 9.15 -5.73 6.50
O4D NDP B . 8.50 -4.92 5.45
C3D NDP B . 9.62 -4.75 7.59
O3D NDP B . 11.03 -4.45 7.42
C2D NDP B . 8.94 -3.45 7.24
O2D NDP B . 9.84 -2.40 7.53
C1D NDP B . 8.94 -3.57 5.69
N1N NDP B . 7.99 -2.79 4.95
C2N NDP B . 8.52 -2.07 3.85
C3N NDP B . 7.66 -1.35 3.07
C7N NDP B . 8.18 -0.52 1.87
O7N NDP B . 9.38 -0.28 1.69
N7N NDP B . 7.24 -0.17 1.05
C4N NDP B . 6.30 -1.35 3.39
C5N NDP B . 5.78 -2.04 4.51
C6N NDP B . 6.65 -2.83 5.29
P2B NDP B . 1.09 -13.54 12.55
O1X NDP B . 2.58 -14.08 12.63
O2X NDP B . 0.47 -12.65 13.54
O3X NDP B . 0.28 -14.81 12.04
CAQ IXG C . 5.53 5.32 9.34
CAG IXG C . 6.51 4.33 9.33
CAI IXG C . 6.50 3.34 8.34
CAF IXG C . 4.60 5.35 8.29
CAH IXG C . 4.60 4.36 7.29
CAR IXG C . 5.55 3.34 7.30
NAW IXG C . 5.57 2.42 6.31
CAC IXG C . 5.42 1.02 6.62
CAS IXG C . 5.68 2.80 5.00
CAK IXG C . 5.01 2.08 3.99
C5 IXG C . 5.17 2.48 2.67
C6 IXG C . 4.51 1.76 1.62
NAE IXG C . 3.69 0.67 1.86
N1 IXG C . 4.72 2.30 0.38
C2 IXG C . 5.46 3.44 0.14
NAD IXG C . 5.71 3.93 -1.11
N3 IXG C . 6.13 4.05 1.11
C4 IXG C . 5.95 3.63 2.37
NAL IXG C . 6.59 4.32 3.33
CAJ IXG C . 6.46 3.93 4.61
#